data_8OGY
#
_entry.id   8OGY
#
_cell.length_a   118.940
_cell.length_b   39.200
_cell.length_c   68.200
_cell.angle_alpha   90.000
_cell.angle_beta   95.400
_cell.angle_gamma   90.000
#
_symmetry.space_group_name_H-M   'C 1 2 1'
#
loop_
_entity.id
_entity.type
_entity.pdbx_description
1 polymer 'Cyclic di-AMP synthase CdaA'
2 non-polymer 'methyl 4-fluoro-L-phenylalaninate'
3 non-polymer 'MAGNESIUM ION'
4 water water
#
_entity_poly.entity_id   1
_entity_poly.type   'polypeptide(L)'
_entity_poly.pdbx_seq_one_letter_code
;GPTPVEEAQQKTIEAITKAINYMAKRRIGALLTIERDTGMGDYIETGIPLNAKVSSELLINIFIPNTPLHDGAVIMKNNE
IAAAACYLPLSESPFISKELGTRHRAAVGISEVTDSLTIIVSEETGGVSVAKNGDLHRELTEEALKEMLEAEFK
;
_entity_poly.pdbx_strand_id   A,B
#
# COMPACT_ATOMS: atom_id res chain seq x y z
N THR A 3 -5.41 27.48 7.20
CA THR A 3 -6.64 26.74 7.47
C THR A 3 -6.40 25.22 7.44
N PRO A 4 -7.36 24.44 7.95
CA PRO A 4 -7.19 22.98 7.89
C PRO A 4 -7.02 22.46 6.48
N VAL A 5 -7.79 22.95 5.51
CA VAL A 5 -7.64 22.53 4.12
C VAL A 5 -6.27 22.91 3.59
N GLU A 6 -5.79 24.10 3.92
CA GLU A 6 -4.44 24.45 3.48
C GLU A 6 -3.40 23.53 4.08
N GLU A 7 -3.49 23.26 5.38
CA GLU A 7 -2.48 22.40 5.99
C GLU A 7 -2.52 21.00 5.37
N ALA A 8 -3.71 20.54 4.99
CA ALA A 8 -3.83 19.20 4.44
C ALA A 8 -3.19 19.13 3.08
N GLN A 9 -3.39 20.17 2.26
CA GLN A 9 -2.81 20.19 0.95
C GLN A 9 -1.29 20.22 1.05
N GLN A 10 -0.77 20.99 2.02
CA GLN A 10 0.68 21.07 2.16
C GLN A 10 1.25 19.75 2.63
N LYS A 11 0.57 19.09 3.53
CA LYS A 11 1.02 17.77 3.95
C LYS A 11 1.07 16.79 2.76
N THR A 12 0.06 16.83 1.88
CA THR A 12 0.00 15.89 0.77
C THR A 12 1.14 16.18 -0.20
N ILE A 13 1.38 17.46 -0.47
CA ILE A 13 2.52 17.85 -1.32
C ILE A 13 3.81 17.30 -0.73
N GLU A 14 4.02 17.44 0.58
CA GLU A 14 5.26 16.99 1.18
C GLU A 14 5.39 15.47 1.10
N ALA A 15 4.27 14.77 1.26
CA ALA A 15 4.30 13.30 1.15
C ALA A 15 4.67 12.87 -0.27
N ILE A 16 4.09 13.53 -1.27
CA ILE A 16 4.41 13.23 -2.65
C ILE A 16 5.87 13.51 -2.94
N THR A 17 6.37 14.69 -2.58
CA THR A 17 7.75 14.97 -2.99
C THR A 17 8.74 14.07 -2.28
N LYS A 18 8.46 13.69 -1.04
CA LYS A 18 9.36 12.73 -0.35
C LYS A 18 9.37 11.39 -1.07
N ALA A 19 8.21 10.90 -1.49
CA ALA A 19 8.19 9.63 -2.19
C ALA A 19 8.89 9.73 -3.54
N ILE A 20 8.65 10.80 -4.30
CA ILE A 20 9.30 10.96 -5.59
C ILE A 20 10.80 11.06 -5.40
N ASN A 21 11.29 11.73 -4.35
N ASN A 21 11.28 11.74 -4.36
CA ASN A 21 12.73 11.81 -4.12
CA ASN A 21 12.72 11.81 -4.13
C ASN A 21 13.33 10.44 -3.87
C ASN A 21 13.32 10.43 -3.90
N TYR A 22 12.63 9.60 -3.11
CA TYR A 22 13.10 8.24 -2.83
C TYR A 22 13.18 7.42 -4.13
N MET A 23 12.16 7.49 -4.97
CA MET A 23 12.10 6.68 -6.18
C MET A 23 13.09 7.23 -7.20
N ALA A 24 13.27 8.57 -7.27
CA ALA A 24 14.26 9.12 -8.21
C ALA A 24 15.65 8.61 -7.86
N LYS A 25 16.02 8.64 -6.59
CA LYS A 25 17.35 8.17 -6.15
C LYS A 25 17.60 6.71 -6.48
N ARG A 26 16.57 5.88 -6.45
CA ARG A 26 16.68 4.45 -6.70
C ARG A 26 16.27 4.06 -8.12
N ARG A 27 15.94 5.02 -8.98
CA ARG A 27 15.49 4.77 -10.36
C ARG A 27 14.37 3.75 -10.38
N ILE A 28 13.38 3.97 -9.49
CA ILE A 28 12.16 3.20 -9.43
C ILE A 28 11.13 3.89 -10.33
N GLY A 29 10.68 3.21 -11.39
CA GLY A 29 9.67 3.83 -12.27
C GLY A 29 8.36 4.03 -11.54
N ALA A 30 7.73 5.19 -11.80
CA ALA A 30 6.49 5.51 -11.11
C ALA A 30 5.65 6.43 -11.98
N LEU A 31 4.34 6.34 -11.74
CA LEU A 31 3.37 7.10 -12.51
C LEU A 31 2.27 7.47 -11.53
N LEU A 32 2.09 8.73 -11.28
CA LEU A 32 1.17 9.24 -10.27
C LEU A 32 0.36 10.37 -10.85
N THR A 33 -0.94 10.16 -11.02
CA THR A 33 -1.82 11.15 -11.60
C THR A 33 -2.71 11.75 -10.53
N ILE A 34 -2.81 13.05 -10.51
CA ILE A 34 -3.63 13.78 -9.56
C ILE A 34 -4.84 14.33 -10.29
N GLU A 35 -6.01 13.78 -9.97
CA GLU A 35 -7.26 14.24 -10.61
C GLU A 35 -7.59 15.65 -10.18
N ARG A 36 -8.06 16.47 -11.16
CA ARG A 36 -8.46 17.85 -10.93
C ARG A 36 -9.94 18.01 -11.25
N ASP A 37 -10.32 18.95 -12.13
CA ASP A 37 -11.74 19.17 -12.44
C ASP A 37 -12.30 18.11 -13.33
N THR A 38 -11.48 17.53 -14.20
CA THR A 38 -12.03 16.51 -15.08
C THR A 38 -12.09 15.20 -14.28
N GLY A 39 -13.28 14.61 -14.19
CA GLY A 39 -13.40 13.35 -13.44
C GLY A 39 -12.71 12.22 -14.17
N MET A 40 -12.08 11.33 -13.41
CA MET A 40 -11.27 10.24 -13.92
C MET A 40 -11.76 8.91 -13.39
N GLY A 41 -13.03 8.87 -13.05
CA GLY A 41 -13.56 7.63 -12.48
C GLY A 41 -13.41 6.44 -13.39
N ASP A 42 -13.52 6.63 -14.71
CA ASP A 42 -13.40 5.48 -15.60
C ASP A 42 -12.01 4.89 -15.55
N TYR A 43 -10.99 5.72 -15.33
CA TYR A 43 -9.65 5.18 -15.18
C TYR A 43 -9.41 4.61 -13.79
N ILE A 44 -9.93 5.26 -12.75
CA ILE A 44 -9.81 4.75 -11.39
C ILE A 44 -10.36 3.33 -11.30
N GLU A 45 -11.46 3.08 -12.00
CA GLU A 45 -12.13 1.77 -11.94
C GLU A 45 -11.33 0.67 -12.56
N THR A 46 -10.31 1.02 -13.37
CA THR A 46 -9.49 -0.02 -13.95
C THR A 46 -8.44 -0.58 -13.00
N GLY A 47 -8.16 0.09 -11.88
CA GLY A 47 -7.12 -0.30 -10.97
C GLY A 47 -7.62 -1.07 -9.77
N ILE A 48 -6.72 -1.24 -8.82
CA ILE A 48 -7.03 -1.87 -7.55
C ILE A 48 -7.51 -0.78 -6.60
N PRO A 49 -8.75 -0.85 -6.08
CA PRO A 49 -9.23 0.17 -5.15
C PRO A 49 -8.44 0.23 -3.89
N LEU A 50 -8.11 1.45 -3.47
CA LEU A 50 -7.44 1.71 -2.21
C LEU A 50 -8.21 2.67 -1.32
N ASN A 51 -8.62 3.80 -1.85
CA ASN A 51 -9.22 4.89 -1.07
C ASN A 51 -8.44 5.10 0.23
N ALA A 52 -7.13 5.25 0.12
CA ALA A 52 -6.23 5.28 1.24
C ALA A 52 -5.73 6.68 1.56
N LYS A 53 -5.41 6.91 2.82
CA LYS A 53 -4.70 8.13 3.19
C LYS A 53 -3.39 8.20 2.46
N VAL A 54 -3.02 9.41 2.06
CA VAL A 54 -1.70 9.58 1.44
C VAL A 54 -0.62 9.53 2.51
N SER A 55 0.47 8.84 2.22
CA SER A 55 1.70 8.92 3.00
C SER A 55 2.84 8.69 2.05
N SER A 56 4.02 9.23 2.34
CA SER A 56 5.16 8.91 1.49
C SER A 56 5.44 7.42 1.54
N GLU A 57 5.24 6.81 2.72
CA GLU A 57 5.51 5.39 2.90
C GLU A 57 4.64 4.54 2.00
N LEU A 58 3.33 4.78 1.98
CA LEU A 58 2.45 4.00 1.12
C LEU A 58 2.82 4.21 -0.35
N LEU A 59 3.07 5.47 -0.78
CA LEU A 59 3.44 5.67 -2.17
C LEU A 59 4.69 4.88 -2.54
N ILE A 60 5.67 4.88 -1.69
CA ILE A 60 6.87 4.08 -1.99
C ILE A 60 6.52 2.58 -2.05
N ASN A 61 5.75 2.07 -1.06
CA ASN A 61 5.45 0.64 -1.03
C ASN A 61 4.67 0.22 -2.26
N ILE A 62 3.84 1.12 -2.81
CA ILE A 62 3.11 0.80 -4.01
C ILE A 62 4.02 0.55 -5.20
N PHE A 63 5.00 1.40 -5.43
CA PHE A 63 5.82 1.34 -6.63
C PHE A 63 7.06 0.50 -6.56
N ILE A 64 7.18 -0.35 -5.56
CA ILE A 64 8.36 -1.23 -5.52
C ILE A 64 8.36 -2.19 -6.70
N PRO A 65 9.46 -2.28 -7.45
CA PRO A 65 9.45 -3.13 -8.64
C PRO A 65 9.11 -4.58 -8.28
N ASN A 66 8.47 -5.26 -9.21
CA ASN A 66 8.19 -6.70 -9.09
C ASN A 66 7.17 -7.02 -7.98
N THR A 67 6.22 -6.12 -7.78
CA THR A 67 5.21 -6.26 -6.76
C THR A 67 3.88 -6.16 -7.45
N PRO A 68 2.77 -6.61 -6.82
CA PRO A 68 1.45 -6.50 -7.49
C PRO A 68 1.03 -5.08 -7.93
N LEU A 69 1.32 -4.08 -7.16
CA LEU A 69 0.71 -2.79 -7.41
C LEU A 69 1.53 -1.85 -8.26
N HIS A 70 2.72 -2.24 -8.67
CA HIS A 70 3.61 -1.25 -9.27
C HIS A 70 3.34 -1.03 -10.76
N ASP A 71 2.55 -1.90 -11.43
CA ASP A 71 2.36 -1.82 -12.88
C ASP A 71 1.13 -0.97 -13.24
N GLY A 72 1.33 0.26 -13.52
CA GLY A 72 0.23 1.13 -13.88
C GLY A 72 0.27 2.37 -13.01
N ALA A 73 -0.76 3.16 -13.08
CA ALA A 73 -0.73 4.45 -12.42
C ALA A 73 -1.47 4.45 -11.09
N VAL A 74 -0.95 5.16 -10.13
CA VAL A 74 -1.69 5.60 -8.97
C VAL A 74 -2.49 6.81 -9.36
N ILE A 75 -3.76 6.88 -8.97
CA ILE A 75 -4.60 8.03 -9.21
C ILE A 75 -5.03 8.55 -7.86
N MET A 76 -4.75 9.79 -7.61
CA MET A 76 -5.14 10.50 -6.41
C MET A 76 -6.30 11.41 -6.68
N LYS A 77 -7.23 11.41 -5.73
CA LYS A 77 -8.46 12.20 -5.83
C LYS A 77 -8.89 12.58 -4.43
N ASN A 78 -9.33 13.82 -4.26
CA ASN A 78 -9.82 14.30 -2.96
C ASN A 78 -8.87 14.00 -1.81
N ASN A 79 -7.56 14.22 -2.03
CA ASN A 79 -6.54 14.09 -1.00
C ASN A 79 -6.35 12.65 -0.53
N GLU A 80 -6.70 11.68 -1.35
CA GLU A 80 -6.53 10.28 -1.06
C GLU A 80 -5.99 9.57 -2.27
N ILE A 81 -5.39 8.41 -2.03
CA ILE A 81 -4.98 7.51 -3.11
C ILE A 81 -6.22 6.70 -3.49
N ALA A 82 -6.84 6.97 -4.61
CA ALA A 82 -8.09 6.30 -4.97
C ALA A 82 -7.83 4.86 -5.38
N ALA A 83 -6.82 4.65 -6.23
CA ALA A 83 -6.55 3.31 -6.75
C ALA A 83 -5.11 3.26 -7.26
N ALA A 84 -4.60 2.06 -7.37
CA ALA A 84 -3.27 1.82 -7.94
C ALA A 84 -3.37 0.85 -9.09
N ALA A 85 -2.29 0.75 -9.87
CA ALA A 85 -2.24 -0.13 -11.02
C ALA A 85 -3.34 0.18 -12.06
N CYS A 86 -3.66 1.46 -12.27
CA CYS A 86 -4.68 1.90 -13.18
C CYS A 86 -4.13 2.05 -14.60
N TYR A 87 -5.02 1.80 -15.55
CA TYR A 87 -4.75 2.06 -16.95
C TYR A 87 -4.86 3.55 -17.21
N LEU A 88 -3.95 4.08 -18.03
CA LEU A 88 -4.03 5.42 -18.62
C LEU A 88 -3.82 5.26 -20.12
N PRO A 89 -4.46 6.08 -20.93
CA PRO A 89 -4.33 5.94 -22.38
C PRO A 89 -2.98 6.42 -22.88
N LEU A 90 -2.40 5.67 -23.81
CA LEU A 90 -1.10 6.04 -24.37
C LEU A 90 -1.25 7.16 -25.39
N SER A 91 -0.45 8.20 -25.25
CA SER A 91 -0.45 9.26 -26.27
C SER A 91 0.13 8.74 -27.57
N GLU A 92 -0.39 9.28 -28.68
CA GLU A 92 0.17 9.07 -30.00
C GLU A 92 0.90 10.32 -30.48
N SER A 93 1.22 11.22 -29.57
CA SER A 93 1.87 12.48 -29.98
C SER A 93 3.23 12.15 -30.59
N PRO A 94 3.59 12.74 -31.74
CA PRO A 94 4.93 12.52 -32.28
C PRO A 94 5.99 13.40 -31.65
N PHE A 95 5.64 14.16 -30.62
CA PHE A 95 6.49 15.22 -30.08
C PHE A 95 7.01 14.92 -28.69
N ILE A 96 6.94 13.66 -28.28
CA ILE A 96 7.53 13.15 -27.04
C ILE A 96 8.92 12.67 -27.42
N SER A 97 9.89 12.92 -26.54
CA SER A 97 11.25 12.47 -26.75
C SER A 97 11.23 10.99 -27.07
N LYS A 98 11.96 10.62 -28.12
CA LYS A 98 11.87 9.26 -28.62
C LYS A 98 12.54 8.25 -27.70
N GLU A 99 13.39 8.72 -26.77
CA GLU A 99 13.99 7.77 -25.82
C GLU A 99 13.08 7.34 -24.68
N LEU A 100 11.89 7.95 -24.56
CA LEU A 100 10.95 7.64 -23.49
C LEU A 100 10.00 6.55 -23.92
N GLY A 101 9.55 5.79 -22.93
CA GLY A 101 8.65 4.69 -23.18
C GLY A 101 7.24 4.87 -22.69
N THR A 102 6.66 3.75 -22.30
CA THR A 102 5.23 3.77 -22.13
C THR A 102 4.76 4.55 -20.89
N ARG A 103 5.46 4.51 -19.73
CA ARG A 103 5.05 5.32 -18.60
C ARG A 103 4.81 6.72 -19.10
N HIS A 104 5.81 7.32 -19.73
CA HIS A 104 5.72 8.74 -20.12
C HIS A 104 4.63 8.93 -21.17
N ARG A 105 4.43 7.98 -22.11
CA ARG A 105 3.37 8.16 -23.09
C ARG A 105 1.99 8.03 -22.46
N ALA A 106 1.84 7.19 -21.40
CA ALA A 106 0.59 7.10 -20.63
C ALA A 106 0.30 8.40 -19.88
N ALA A 107 1.33 8.99 -19.26
CA ALA A 107 1.15 10.28 -18.60
C ALA A 107 0.71 11.35 -19.58
N VAL A 108 1.43 11.49 -20.69
CA VAL A 108 1.02 12.49 -21.68
C VAL A 108 -0.39 12.19 -22.18
N GLY A 109 -0.70 10.91 -22.43
CA GLY A 109 -2.02 10.51 -22.89
C GLY A 109 -3.15 10.96 -21.99
N ILE A 110 -3.05 10.70 -20.70
CA ILE A 110 -4.14 11.16 -19.83
C ILE A 110 -4.16 12.70 -19.79
N SER A 111 -2.99 13.36 -19.88
CA SER A 111 -2.97 14.82 -19.81
C SER A 111 -3.55 15.47 -21.05
N GLU A 112 -3.80 14.77 -22.13
CA GLU A 112 -4.40 15.15 -23.42
C GLU A 112 -5.90 15.30 -23.25
N VAL A 113 -6.52 14.52 -22.34
CA VAL A 113 -7.96 14.39 -22.28
C VAL A 113 -8.50 14.74 -20.90
N THR A 114 -7.66 15.29 -20.03
CA THR A 114 -8.07 15.73 -18.70
C THR A 114 -7.22 16.93 -18.33
N ASP A 115 -7.60 17.63 -17.26
CA ASP A 115 -6.80 18.69 -16.68
C ASP A 115 -5.94 18.19 -15.54
N SER A 116 -5.67 16.90 -15.48
CA SER A 116 -4.92 16.30 -14.38
C SER A 116 -3.43 16.67 -14.49
N LEU A 117 -2.70 16.42 -13.41
CA LEU A 117 -1.25 16.58 -13.38
C LEU A 117 -0.68 15.19 -13.10
N THR A 118 0.21 14.71 -13.95
CA THR A 118 0.83 13.39 -13.73
C THR A 118 2.30 13.56 -13.50
N ILE A 119 2.84 12.88 -12.53
CA ILE A 119 4.26 12.84 -12.23
C ILE A 119 4.79 11.50 -12.68
N ILE A 120 5.93 11.49 -13.38
CA ILE A 120 6.60 10.29 -13.84
C ILE A 120 8.01 10.27 -13.26
N VAL A 121 8.41 9.11 -12.73
CA VAL A 121 9.84 8.86 -12.46
C VAL A 121 10.31 7.82 -13.46
N SER A 122 11.43 8.12 -14.14
CA SER A 122 11.99 7.21 -15.12
C SER A 122 12.75 6.07 -14.47
N GLU A 123 12.46 4.85 -14.90
CA GLU A 123 13.26 3.73 -14.45
C GLU A 123 14.64 3.69 -15.08
N GLU A 124 14.85 4.42 -16.16
CA GLU A 124 16.16 4.41 -16.80
C GLU A 124 17.12 5.36 -16.10
N THR A 125 16.64 6.53 -15.75
CA THR A 125 17.50 7.59 -15.29
C THR A 125 17.18 8.09 -13.91
N GLY A 126 16.02 7.78 -13.36
CA GLY A 126 15.51 8.44 -12.17
C GLY A 126 15.06 9.88 -12.39
N GLY A 127 15.09 10.36 -13.62
CA GLY A 127 14.59 11.68 -13.92
C GLY A 127 13.11 11.79 -13.60
N VAL A 128 12.71 13.00 -13.23
CA VAL A 128 11.34 13.29 -12.81
C VAL A 128 10.73 14.23 -13.80
N SER A 129 9.53 13.94 -14.29
CA SER A 129 8.83 14.78 -15.24
C SER A 129 7.40 14.91 -14.86
N VAL A 130 6.71 15.85 -15.47
CA VAL A 130 5.29 16.11 -15.22
C VAL A 130 4.61 16.23 -16.55
N ALA A 131 3.43 15.64 -16.69
CA ALA A 131 2.59 15.82 -17.86
C ALA A 131 1.38 16.61 -17.50
N LYS A 132 1.07 17.61 -18.33
CA LYS A 132 -0.11 18.45 -18.17
C LYS A 132 -0.45 19.06 -19.52
N ASN A 133 -1.71 19.01 -19.90
CA ASN A 133 -2.19 19.72 -21.10
C ASN A 133 -1.59 19.15 -22.37
N GLY A 134 -1.14 17.91 -22.37
CA GLY A 134 -0.52 17.32 -23.51
C GLY A 134 0.97 17.54 -23.65
N ASP A 135 1.59 18.19 -22.71
CA ASP A 135 3.03 18.41 -22.75
C ASP A 135 3.72 17.74 -21.57
N LEU A 136 4.95 17.35 -21.83
CA LEU A 136 5.80 16.72 -20.85
C LEU A 136 6.89 17.69 -20.44
N HIS A 137 7.01 17.99 -19.20
CA HIS A 137 8.06 18.81 -18.62
C HIS A 137 9.10 17.96 -17.97
N ARG A 138 10.26 17.88 -18.59
CA ARG A 138 11.26 16.91 -18.21
C ARG A 138 12.31 17.49 -17.27
N GLU A 139 13.02 16.56 -16.61
CA GLU A 139 14.24 16.81 -15.85
C GLU A 139 14.02 17.91 -14.83
N LEU A 140 13.03 17.67 -14.00
CA LEU A 140 12.66 18.59 -12.96
C LEU A 140 13.52 18.43 -11.73
N THR A 141 13.84 19.56 -11.10
CA THR A 141 14.36 19.57 -9.74
C THR A 141 13.22 19.43 -8.75
N GLU A 142 13.58 19.18 -7.48
CA GLU A 142 12.58 19.07 -6.43
C GLU A 142 11.82 20.38 -6.29
N GLU A 143 12.54 21.50 -6.39
CA GLU A 143 11.89 22.79 -6.29
C GLU A 143 10.89 23.01 -7.42
N ALA A 144 11.25 22.58 -8.65
CA ALA A 144 10.36 22.73 -9.80
C ALA A 144 9.09 21.88 -9.63
N LEU A 145 9.24 20.65 -9.15
CA LEU A 145 8.05 19.82 -8.94
C LEU A 145 7.15 20.44 -7.88
N LYS A 146 7.73 20.92 -6.78
CA LYS A 146 6.93 21.54 -5.74
C LYS A 146 6.15 22.74 -6.28
N GLU A 147 6.82 23.58 -7.07
CA GLU A 147 6.16 24.75 -7.66
C GLU A 147 5.00 24.30 -8.50
N MET A 148 5.16 23.22 -9.22
CA MET A 148 4.09 22.80 -10.09
C MET A 148 2.93 22.29 -9.24
N LEU A 149 3.24 21.53 -8.18
CA LEU A 149 2.17 21.04 -7.30
C LEU A 149 1.47 22.19 -6.62
N GLU A 150 2.19 23.21 -6.18
CA GLU A 150 1.51 24.31 -5.51
C GLU A 150 0.66 25.12 -6.50
N ALA A 151 1.13 25.25 -7.73
CA ALA A 151 0.40 26.03 -8.71
C ALA A 151 -0.87 25.30 -9.07
N GLU A 152 -0.76 23.99 -9.18
CA GLU A 152 -1.91 23.16 -9.47
C GLU A 152 -2.96 23.27 -8.36
N PRO B 2 -26.51 -14.93 1.30
CA PRO B 2 -25.66 -14.02 2.09
C PRO B 2 -25.99 -12.53 1.94
N THR B 3 -25.93 -11.83 3.05
CA THR B 3 -26.11 -10.38 3.03
C THR B 3 -24.85 -9.70 2.47
N PRO B 4 -24.93 -8.39 2.19
CA PRO B 4 -23.71 -7.67 1.79
C PRO B 4 -22.59 -7.74 2.83
N VAL B 5 -22.93 -7.71 4.11
CA VAL B 5 -21.92 -7.85 5.15
C VAL B 5 -21.21 -9.19 5.04
N GLU B 6 -21.99 -10.25 4.82
CA GLU B 6 -21.39 -11.57 4.73
C GLU B 6 -20.55 -11.72 3.46
N GLU B 7 -21.02 -11.17 2.33
CA GLU B 7 -20.21 -11.19 1.11
C GLU B 7 -18.91 -10.42 1.31
N ALA B 8 -18.99 -9.26 1.98
CA ALA B 8 -17.80 -8.47 2.20
C ALA B 8 -16.80 -9.22 3.08
N GLN B 9 -17.29 -9.88 4.14
CA GLN B 9 -16.39 -10.67 4.95
C GLN B 9 -15.71 -11.75 4.11
N GLN B 10 -16.44 -12.43 3.20
CA GLN B 10 -15.85 -13.49 2.40
C GLN B 10 -14.78 -12.94 1.48
N LYS B 11 -15.03 -11.75 0.92
CA LYS B 11 -14.02 -11.11 0.07
C LYS B 11 -12.75 -10.78 0.85
N THR B 12 -12.93 -10.27 2.08
CA THR B 12 -11.80 -9.94 2.94
C THR B 12 -11.00 -11.17 3.29
N ILE B 13 -11.69 -12.28 3.64
CA ILE B 13 -10.97 -13.55 3.94
C ILE B 13 -10.20 -14.04 2.71
N GLU B 14 -10.81 -14.00 1.54
CA GLU B 14 -10.11 -14.40 0.32
C GLU B 14 -8.86 -13.53 0.09
N ALA B 15 -8.97 -12.22 0.30
CA ALA B 15 -7.81 -11.36 0.10
C ALA B 15 -6.70 -11.72 1.07
N ILE B 16 -7.03 -11.91 2.34
CA ILE B 16 -6.04 -12.24 3.34
C ILE B 16 -5.39 -13.57 2.99
N THR B 17 -6.18 -14.61 2.70
CA THR B 17 -5.58 -15.92 2.47
C THR B 17 -4.69 -15.89 1.21
N LYS B 18 -5.10 -15.17 0.15
CA LYS B 18 -4.25 -15.09 -1.03
C LYS B 18 -2.94 -14.43 -0.69
N ALA B 19 -2.99 -13.35 0.10
CA ALA B 19 -1.75 -12.67 0.43
C ALA B 19 -0.86 -13.55 1.28
N ILE B 20 -1.43 -14.19 2.32
CA ILE B 20 -0.62 -15.02 3.20
C ILE B 20 0.00 -16.16 2.41
N ASN B 21 -0.77 -16.79 1.51
CA ASN B 21 -0.22 -17.89 0.71
C ASN B 21 0.97 -17.40 -0.12
N TYR B 22 0.84 -16.23 -0.74
CA TYR B 22 1.94 -15.67 -1.53
C TYR B 22 3.18 -15.46 -0.67
N MET B 23 2.99 -14.88 0.49
CA MET B 23 4.11 -14.52 1.31
C MET B 23 4.76 -15.77 1.93
N ALA B 24 3.96 -16.77 2.30
CA ALA B 24 4.51 -18.02 2.82
C ALA B 24 5.41 -18.68 1.78
N LYS B 25 4.95 -18.73 0.52
CA LYS B 25 5.77 -19.37 -0.52
C LYS B 25 7.09 -18.68 -0.69
N ARG B 26 7.12 -17.37 -0.55
CA ARG B 26 8.31 -16.58 -0.76
C ARG B 26 9.06 -16.27 0.51
N ARG B 27 8.64 -16.82 1.65
CA ARG B 27 9.31 -16.62 2.94
C ARG B 27 9.42 -15.12 3.24
N ILE B 28 8.31 -14.40 2.99
CA ILE B 28 8.20 -12.98 3.30
C ILE B 28 7.56 -12.89 4.68
N GLY B 29 8.31 -12.37 5.63
CA GLY B 29 7.79 -12.21 6.98
C GLY B 29 6.60 -11.27 6.99
N ALA B 30 5.60 -11.62 7.80
CA ALA B 30 4.39 -10.76 7.89
C ALA B 30 3.75 -10.90 9.24
N LEU B 31 3.06 -9.85 9.63
CA LEU B 31 2.40 -9.77 10.94
C LEU B 31 1.13 -8.99 10.73
N LEU B 32 0.01 -9.68 10.84
CA LEU B 32 -1.29 -9.14 10.45
C LEU B 32 -2.33 -9.41 11.53
N THR B 33 -2.74 -8.37 12.22
CA THR B 33 -3.70 -8.45 13.33
C THR B 33 -5.07 -8.00 12.88
N ILE B 34 -6.08 -8.84 13.09
CA ILE B 34 -7.46 -8.52 12.77
C ILE B 34 -8.16 -8.15 14.07
N GLU B 35 -8.53 -6.88 14.21
CA GLU B 35 -9.29 -6.42 15.37
C GLU B 35 -10.64 -7.11 15.41
N ARG B 36 -11.06 -7.47 16.62
CA ARG B 36 -12.39 -8.06 16.82
C ARG B 36 -13.18 -7.13 17.74
N ASP B 37 -13.65 -7.61 18.88
CA ASP B 37 -14.50 -6.74 19.73
C ASP B 37 -13.71 -5.85 20.65
N THR B 38 -12.48 -6.20 20.97
CA THR B 38 -11.66 -5.33 21.81
C THR B 38 -10.99 -4.30 20.90
N GLY B 39 -11.26 -3.02 21.10
CA GLY B 39 -10.72 -1.99 20.21
C GLY B 39 -9.23 -1.88 20.38
N MET B 40 -8.55 -1.68 19.26
CA MET B 40 -7.11 -1.59 19.15
C MET B 40 -6.61 -0.22 18.78
N GLY B 41 -7.41 0.80 19.03
CA GLY B 41 -7.02 2.12 18.59
C GLY B 41 -5.66 2.55 19.08
N ASP B 42 -5.29 2.22 20.33
CA ASP B 42 -4.02 2.69 20.85
C ASP B 42 -2.84 2.11 20.05
N TYR B 43 -3.00 0.91 19.51
CA TYR B 43 -1.96 0.28 18.69
C TYR B 43 -2.02 0.79 17.27
N ILE B 44 -3.22 0.96 16.73
CA ILE B 44 -3.38 1.53 15.38
C ILE B 44 -2.71 2.88 15.28
N GLU B 45 -2.83 3.69 16.31
CA GLU B 45 -2.26 5.03 16.31
C GLU B 45 -0.74 5.06 16.32
N THR B 46 -0.07 3.96 16.65
CA THR B 46 1.36 3.94 16.58
C THR B 46 1.91 3.76 15.15
N GLY B 47 1.07 3.38 14.19
CA GLY B 47 1.51 3.02 12.86
C GLY B 47 1.36 4.17 11.90
N ILE B 48 1.51 3.85 10.63
CA ILE B 48 1.23 4.79 9.54
C ILE B 48 -0.22 4.61 9.14
N PRO B 49 -1.05 5.66 9.20
CA PRO B 49 -2.46 5.49 8.84
C PRO B 49 -2.61 5.18 7.38
N LEU B 50 -3.46 4.20 7.06
CA LEU B 50 -3.85 3.85 5.72
C LEU B 50 -5.34 4.00 5.52
N ASN B 51 -6.13 3.42 6.41
CA ASN B 51 -7.59 3.39 6.24
C ASN B 51 -7.97 2.98 4.82
N ALA B 52 -7.34 1.91 4.33
CA ALA B 52 -7.43 1.51 2.95
C ALA B 52 -8.37 0.32 2.79
N LYS B 53 -9.00 0.22 1.65
CA LYS B 53 -9.74 -0.98 1.29
C LYS B 53 -8.79 -2.16 1.20
N VAL B 54 -9.24 -3.34 1.66
CA VAL B 54 -8.39 -4.51 1.64
C VAL B 54 -8.23 -5.00 0.21
N SER B 55 -7.02 -5.43 -0.11
CA SER B 55 -6.80 -6.26 -1.28
C SER B 55 -5.58 -7.14 -1.00
N SER B 56 -5.53 -8.28 -1.68
CA SER B 56 -4.35 -9.14 -1.55
C SER B 56 -3.12 -8.41 -2.01
N GLU B 57 -3.29 -7.60 -3.07
CA GLU B 57 -2.16 -6.86 -3.64
C GLU B 57 -1.58 -5.86 -2.63
N LEU B 58 -2.43 -5.09 -1.97
CA LEU B 58 -1.93 -4.12 -1.00
C LEU B 58 -1.25 -4.85 0.15
N LEU B 59 -1.87 -5.90 0.69
CA LEU B 59 -1.24 -6.63 1.78
C LEU B 59 0.16 -7.14 1.41
N ILE B 60 0.30 -7.71 0.24
CA ILE B 60 1.60 -8.21 -0.20
C ILE B 60 2.59 -7.04 -0.31
N ASN B 61 2.15 -5.93 -0.94
CA ASN B 61 3.07 -4.81 -1.17
C ASN B 61 3.55 -4.27 0.18
N ILE B 62 2.68 -4.27 1.21
CA ILE B 62 3.07 -3.71 2.49
C ILE B 62 4.28 -4.43 3.08
N PHE B 63 4.29 -5.75 3.00
CA PHE B 63 5.30 -6.56 3.68
C PHE B 63 6.54 -6.90 2.88
N ILE B 64 6.68 -6.32 1.69
CA ILE B 64 7.91 -6.59 0.94
C ILE B 64 9.12 -6.15 1.74
N PRO B 65 10.15 -6.98 1.89
CA PRO B 65 11.31 -6.60 2.69
C PRO B 65 11.99 -5.32 2.25
N ASN B 66 12.52 -4.62 3.24
CA ASN B 66 13.33 -3.44 3.04
C ASN B 66 12.55 -2.26 2.48
N THR B 67 11.28 -2.18 2.85
CA THR B 67 10.42 -1.08 2.44
C THR B 67 9.89 -0.32 3.64
N PRO B 68 9.35 0.89 3.42
CA PRO B 68 8.91 1.69 4.58
C PRO B 68 7.85 1.02 5.46
N LEU B 69 6.98 0.19 4.93
CA LEU B 69 5.87 -0.27 5.73
C LEU B 69 6.03 -1.69 6.27
N HIS B 70 7.12 -2.36 6.02
CA HIS B 70 7.17 -3.79 6.28
C HIS B 70 7.45 -4.14 7.73
N ASP B 71 8.00 -3.22 8.52
CA ASP B 71 8.36 -3.50 9.90
C ASP B 71 7.25 -3.12 10.85
N GLY B 72 6.77 -4.05 11.60
CA GLY B 72 5.66 -3.82 12.49
C GLY B 72 4.44 -4.51 11.94
N ALA B 73 3.34 -4.32 12.66
CA ALA B 73 2.13 -5.02 12.33
C ALA B 73 1.21 -4.21 11.43
N VAL B 74 0.52 -4.88 10.56
CA VAL B 74 -0.69 -4.34 9.95
C VAL B 74 -1.86 -4.66 10.86
N ILE B 75 -2.72 -3.70 11.10
CA ILE B 75 -3.94 -3.89 11.89
C ILE B 75 -5.12 -3.64 10.97
N MET B 76 -5.98 -4.62 10.81
CA MET B 76 -7.21 -4.53 10.06
C MET B 76 -8.40 -4.33 10.97
N LYS B 77 -9.28 -3.48 10.50
CA LYS B 77 -10.57 -3.23 11.14
C LYS B 77 -11.56 -3.57 10.03
N ASN B 78 -12.35 -4.62 10.33
CA ASN B 78 -13.39 -5.14 9.44
C ASN B 78 -12.81 -5.31 8.06
N ASN B 79 -13.23 -4.52 7.08
CA ASN B 79 -12.83 -4.69 5.70
C ASN B 79 -11.82 -3.64 5.26
N GLU B 80 -11.12 -3.05 6.21
CA GLU B 80 -10.12 -2.04 5.93
C GLU B 80 -8.79 -2.40 6.58
N ILE B 81 -7.71 -1.99 5.91
CA ILE B 81 -6.38 -1.96 6.50
C ILE B 81 -6.26 -0.62 7.24
N ALA B 82 -6.34 -0.64 8.57
CA ALA B 82 -6.36 0.63 9.29
C ALA B 82 -5.00 1.29 9.27
N ALA B 83 -3.94 0.54 9.52
CA ALA B 83 -2.59 1.10 9.63
C ALA B 83 -1.56 0.01 9.50
N ALA B 84 -0.37 0.41 9.12
CA ALA B 84 0.75 -0.52 8.93
C ALA B 84 1.91 -0.05 9.79
N ALA B 85 2.91 -0.92 10.00
CA ALA B 85 4.10 -0.56 10.79
C ALA B 85 3.69 -0.18 12.21
N CYS B 86 2.71 -0.91 12.75
CA CYS B 86 2.22 -0.66 14.09
C CYS B 86 3.04 -1.42 15.13
N TYR B 87 3.14 -0.82 16.31
CA TYR B 87 3.68 -1.45 17.50
C TYR B 87 2.63 -2.38 18.13
N LEU B 88 3.09 -3.56 18.57
CA LEU B 88 2.36 -4.48 19.42
C LEU B 88 3.25 -4.84 20.60
N PRO B 89 2.67 -5.14 21.75
CA PRO B 89 3.46 -5.49 22.91
C PRO B 89 4.01 -6.90 22.77
N LEU B 90 5.22 -7.13 23.31
CA LEU B 90 5.88 -8.42 23.21
C LEU B 90 5.48 -9.33 24.37
N SER B 91 5.02 -10.53 24.03
CA SER B 91 4.70 -11.51 25.08
C SER B 91 5.98 -12.05 25.70
N GLU B 92 5.88 -12.34 27.00
CA GLU B 92 6.91 -13.05 27.73
C GLU B 92 6.54 -14.51 27.96
N SER B 93 5.57 -15.01 27.22
CA SER B 93 5.09 -16.37 27.47
C SER B 93 6.21 -17.39 27.25
N PRO B 94 6.35 -18.40 28.11
CA PRO B 94 7.36 -19.43 27.86
C PRO B 94 6.95 -20.42 26.77
N PHE B 95 5.72 -20.40 26.28
CA PHE B 95 5.24 -21.33 25.27
C PHE B 95 5.46 -20.84 23.84
N ILE B 96 6.29 -19.85 23.65
CA ILE B 96 6.68 -19.40 22.33
C ILE B 96 8.00 -20.10 22.03
N SER B 97 8.02 -20.88 20.94
CA SER B 97 9.21 -21.62 20.56
C SER B 97 10.41 -20.68 20.58
N LYS B 98 11.52 -21.14 21.16
CA LYS B 98 12.67 -20.26 21.42
C LYS B 98 13.26 -19.71 20.12
N GLU B 99 13.18 -20.46 19.02
CA GLU B 99 13.79 -20.02 17.78
C GLU B 99 13.02 -18.89 17.13
N LEU B 100 11.81 -18.56 17.60
CA LEU B 100 10.99 -17.55 16.95
C LEU B 100 11.38 -16.14 17.38
N GLY B 101 11.25 -15.22 16.44
CA GLY B 101 11.60 -13.86 16.66
C GLY B 101 10.47 -12.95 17.07
N THR B 102 10.69 -11.67 16.79
CA THR B 102 9.89 -10.62 17.41
C THR B 102 8.48 -10.61 16.85
N ARG B 103 8.28 -10.97 15.59
CA ARG B 103 6.92 -10.94 15.02
C ARG B 103 6.01 -11.89 15.79
N HIS B 104 6.49 -13.12 16.09
CA HIS B 104 5.65 -14.06 16.83
C HIS B 104 5.43 -13.62 18.26
N ARG B 105 6.42 -13.00 18.89
CA ARG B 105 6.26 -12.55 20.24
C ARG B 105 5.30 -11.37 20.33
N ALA B 106 5.35 -10.46 19.35
CA ALA B 106 4.39 -9.37 19.25
C ALA B 106 2.98 -9.89 19.06
N ALA B 107 2.80 -10.88 18.18
CA ALA B 107 1.47 -11.43 17.92
C ALA B 107 0.90 -12.08 19.16
N VAL B 108 1.68 -12.91 19.85
CA VAL B 108 1.16 -13.46 21.09
C VAL B 108 0.87 -12.34 22.09
N GLY B 109 1.75 -11.32 22.17
CA GLY B 109 1.55 -10.18 23.05
C GLY B 109 0.22 -9.49 22.88
N ILE B 110 -0.15 -9.17 21.65
CA ILE B 110 -1.44 -8.50 21.45
C ILE B 110 -2.57 -9.45 21.75
N SER B 111 -2.35 -10.74 21.52
CA SER B 111 -3.40 -11.71 21.76
C SER B 111 -3.67 -11.92 23.25
N GLU B 112 -2.76 -11.49 24.11
CA GLU B 112 -2.97 -11.62 25.55
C GLU B 112 -3.85 -10.50 26.11
N VAL B 113 -4.03 -9.39 25.37
CA VAL B 113 -4.71 -8.23 25.91
C VAL B 113 -5.85 -7.79 25.01
N THR B 114 -6.16 -8.60 24.02
CA THR B 114 -7.30 -8.39 23.15
C THR B 114 -7.86 -9.71 22.72
N ASP B 115 -8.99 -9.68 22.06
CA ASP B 115 -9.64 -10.83 21.43
C ASP B 115 -9.31 -10.91 19.94
N SER B 116 -8.27 -10.20 19.51
CA SER B 116 -7.92 -10.19 18.10
C SER B 116 -7.34 -11.52 17.65
N LEU B 117 -7.31 -11.68 16.31
CA LEU B 117 -6.66 -12.86 15.69
C LEU B 117 -5.48 -12.31 14.91
N THR B 118 -4.28 -12.82 15.18
CA THR B 118 -3.06 -12.37 14.48
C THR B 118 -2.49 -13.49 13.67
N ILE B 119 -2.17 -13.25 12.42
CA ILE B 119 -1.50 -14.19 11.53
C ILE B 119 -0.05 -13.79 11.39
N ILE B 120 0.87 -14.76 11.41
CA ILE B 120 2.30 -14.51 11.29
C ILE B 120 2.82 -15.41 10.20
N VAL B 121 3.63 -14.87 9.29
CA VAL B 121 4.42 -15.66 8.35
C VAL B 121 5.87 -15.56 8.79
N SER B 122 6.54 -16.70 8.93
CA SER B 122 7.94 -16.69 9.29
C SER B 122 8.82 -16.39 8.09
N GLU B 123 9.72 -15.42 8.25
CA GLU B 123 10.71 -15.17 7.21
C GLU B 123 11.75 -16.26 7.12
N GLU B 124 11.85 -17.09 8.13
CA GLU B 124 12.84 -18.17 8.09
C GLU B 124 12.33 -19.38 7.35
N THR B 125 11.12 -19.80 7.64
CA THR B 125 10.61 -21.05 7.13
C THR B 125 9.42 -20.90 6.22
N GLY B 126 8.78 -19.75 6.19
CA GLY B 126 7.52 -19.66 5.46
C GLY B 126 6.32 -20.20 6.21
N GLY B 127 6.55 -20.77 7.39
CA GLY B 127 5.43 -21.30 8.18
C GLY B 127 4.46 -20.20 8.57
N VAL B 128 3.20 -20.61 8.61
CA VAL B 128 2.09 -19.73 8.98
C VAL B 128 1.56 -20.12 10.35
N SER B 129 1.43 -19.14 11.21
CA SER B 129 0.90 -19.35 12.54
C SER B 129 -0.16 -18.34 12.86
N VAL B 130 -0.92 -18.63 13.92
CA VAL B 130 -1.95 -17.72 14.42
C VAL B 130 -1.81 -17.57 15.90
N ALA B 131 -1.95 -16.38 16.41
CA ALA B 131 -2.06 -16.10 17.81
C ALA B 131 -3.44 -15.64 18.16
N LYS B 132 -3.97 -16.24 19.21
CA LYS B 132 -5.28 -15.86 19.75
C LYS B 132 -5.35 -16.28 21.21
N ASN B 133 -5.80 -15.37 22.05
CA ASN B 133 -6.05 -15.66 23.46
C ASN B 133 -4.81 -16.17 24.16
N GLY B 134 -3.63 -15.70 23.75
CA GLY B 134 -2.41 -15.99 24.41
C GLY B 134 -1.71 -17.24 23.91
N ASP B 135 -2.32 -17.94 22.95
CA ASP B 135 -1.79 -19.19 22.41
C ASP B 135 -1.33 -18.98 20.97
N LEU B 136 -0.21 -19.59 20.63
CA LEU B 136 0.32 -19.62 19.29
C LEU B 136 0.13 -21.00 18.69
N HIS B 137 -0.51 -21.09 17.53
CA HIS B 137 -0.66 -22.36 16.80
C HIS B 137 0.09 -22.25 15.49
N ARG B 138 1.01 -23.15 15.30
CA ARG B 138 2.03 -23.03 14.25
C ARG B 138 1.75 -23.96 13.10
N GLU B 139 2.52 -23.79 12.02
CA GLU B 139 2.53 -24.68 10.89
C GLU B 139 1.14 -24.99 10.31
N LEU B 140 0.35 -23.93 10.11
CA LEU B 140 -0.99 -24.12 9.62
C LEU B 140 -1.02 -24.39 8.14
N THR B 141 -1.90 -25.29 7.72
CA THR B 141 -2.22 -25.48 6.33
C THR B 141 -3.09 -24.32 5.85
N GLU B 142 -3.18 -24.18 4.53
CA GLU B 142 -4.04 -23.13 4.00
C GLU B 142 -5.48 -23.36 4.42
N GLU B 143 -5.89 -24.62 4.40
CA GLU B 143 -7.26 -24.94 4.77
C GLU B 143 -7.51 -24.58 6.23
N ALA B 144 -6.56 -24.87 7.11
CA ALA B 144 -6.76 -24.53 8.53
C ALA B 144 -6.82 -23.04 8.76
N LEU B 145 -5.96 -22.28 8.10
CA LEU B 145 -6.05 -20.84 8.24
C LEU B 145 -7.41 -20.33 7.80
N LYS B 146 -7.85 -20.75 6.66
CA LYS B 146 -9.14 -20.27 6.12
C LYS B 146 -10.28 -20.61 7.06
N GLU B 147 -10.29 -21.84 7.57
CA GLU B 147 -11.36 -22.22 8.49
C GLU B 147 -11.31 -21.39 9.77
N MET B 148 -10.10 -21.07 10.24
CA MET B 148 -9.97 -20.23 11.43
C MET B 148 -10.55 -18.85 11.17
N LEU B 149 -10.27 -18.30 9.99
CA LEU B 149 -10.77 -16.97 9.67
C LEU B 149 -12.27 -17.00 9.50
N GLU B 150 -12.80 -18.05 8.83
CA GLU B 150 -14.24 -18.17 8.66
C GLU B 150 -14.94 -18.24 10.00
N ALA B 151 -14.35 -18.98 10.94
CA ALA B 151 -14.94 -19.16 12.28
C ALA B 151 -14.86 -17.87 13.06
N GLU B 152 -13.82 -17.09 12.82
CA GLU B 152 -13.61 -15.82 13.51
C GLU B 152 -14.69 -14.83 13.09
#